data_4UI7
#
_entry.id   4UI7
#
_cell.length_a   91.080
_cell.length_b   98.990
_cell.length_c   119.090
_cell.angle_alpha   90.00
_cell.angle_beta   90.00
_cell.angle_gamma   90.00
#
_symmetry.space_group_name_H-M   'C 2 2 21'
#
loop_
_entity.id
_entity.type
_entity.pdbx_description
1 polymer TANKYRASE-2
2 polymer TANKYRASE-2
3 non-polymer 'ZINC ION'
4 non-polymer 'SULFATE ION'
5 non-polymer 8-HYDROXY-2-(4-METHYLPHENYL)-3,4-DIHYDROQUINAZOLIN-4-ONE
6 non-polymer GLYCEROL
7 water water
#
loop_
_entity_poly.entity_id
_entity_poly.type
_entity_poly.pdbx_seq_one_letter_code
_entity_poly.pdbx_strand_id
1 'polypeptide(L)'
;MHHHHHHSSGVDLGTENLYFQSMLNTSGSGTILIDLSPDDKEFQSVEEEMQSTVREHRDGGHAGGIFNRYNILKIQKVCN
KKLWERYTHRRKEVSEENHNHANERMLFHGSPFVNAIIHKGFDERHAYIGGMFGAGIYFAENSSKSNQYVYGIGGGTGCP
VHKDRSCYICHRQLLFCRVTLGKSFLQFSAM
;
A,B
2 'polypeptide(L)' AMAHSPPGHHSVTGRPSVNGLALAEYVIYRGEQAYPEYLITYQIMRPEG C,D
#
loop_
_chem_comp.id
_chem_comp.type
_chem_comp.name
_chem_comp.formula
GOL non-polymer GLYCEROL 'C3 H8 O3'
SO4 non-polymer 'SULFATE ION' 'O4 S -2'
VT3 non-polymer 8-HYDROXY-2-(4-METHYLPHENYL)-3,4-DIHYDROQUINAZOLIN-4-ONE 'C15 H12 N2 O2'
ZN non-polymer 'ZINC ION' 'Zn 2'
#
# COMPACT_ATOMS: atom_id res chain seq x y z
N GLY A 30 15.32 20.03 28.21
CA GLY A 30 16.77 20.22 28.02
C GLY A 30 17.22 20.28 26.56
N THR A 31 16.29 20.46 25.64
CA THR A 31 16.66 20.56 24.22
C THR A 31 17.01 21.97 23.84
N ILE A 32 18.16 22.14 23.17
CA ILE A 32 18.42 23.37 22.45
C ILE A 32 18.59 23.12 20.95
N LEU A 33 18.23 24.11 20.15
CA LEU A 33 18.33 24.07 18.68
C LEU A 33 19.41 25.04 18.22
N ILE A 34 20.44 24.52 17.55
CA ILE A 34 21.53 25.33 17.03
C ILE A 34 21.47 25.43 15.51
N ASP A 35 21.33 26.66 14.99
CA ASP A 35 21.28 26.90 13.55
C ASP A 35 22.56 26.58 12.85
N LEU A 36 22.50 25.88 11.71
CA LEU A 36 23.67 25.68 10.89
C LEU A 36 23.72 26.75 9.82
N SER A 37 24.92 27.20 9.50
CA SER A 37 25.09 28.15 8.42
C SER A 37 24.98 27.42 7.09
N PRO A 38 24.41 28.08 6.06
CA PRO A 38 24.43 27.47 4.73
C PRO A 38 25.82 27.23 4.13
N ASP A 39 26.84 27.89 4.67
CA ASP A 39 28.22 27.70 4.21
C ASP A 39 28.86 26.50 4.89
N ASP A 40 28.19 25.90 5.85
CA ASP A 40 28.76 24.81 6.64
C ASP A 40 28.61 23.51 5.84
N LYS A 41 29.64 22.67 5.84
CA LYS A 41 29.60 21.38 5.12
C LYS A 41 28.47 20.45 5.61
N GLU A 42 28.15 20.53 6.90
CA GLU A 42 27.10 19.77 7.49
C GLU A 42 25.71 20.20 6.97
N PHE A 43 25.47 21.50 6.86
CA PHE A 43 24.24 22.02 6.22
C PHE A 43 24.12 21.47 4.79
N GLN A 44 25.22 21.56 4.06
CA GLN A 44 25.20 21.17 2.65
C GLN A 44 24.98 19.68 2.42
N SER A 45 25.52 18.82 3.28
CA SER A 45 25.34 17.38 3.08
C SER A 45 23.93 16.92 3.49
N VAL A 46 23.35 17.55 4.51
CA VAL A 46 21.96 17.31 4.90
C VAL A 46 20.98 17.80 3.81
N GLU A 47 21.19 19.02 3.30
CA GLU A 47 20.36 19.53 2.19
C GLU A 47 20.42 18.58 0.99
N GLU A 48 21.61 18.11 0.61
CA GLU A 48 21.74 17.21 -0.55
C GLU A 48 20.97 15.88 -0.36
N GLU A 49 20.97 15.32 0.84
CA GLU A 49 20.20 14.10 1.11
C GLU A 49 18.68 14.36 1.01
N MET A 50 18.23 15.50 1.55
CA MET A 50 16.84 15.94 1.39
C MET A 50 16.42 16.05 -0.11
N GLN A 51 17.21 16.77 -0.89
CA GLN A 51 16.83 17.09 -2.27
C GLN A 51 16.94 15.84 -3.19
N SER A 52 17.97 15.03 -3.02
CA SER A 52 18.28 13.96 -3.94
C SER A 52 17.42 12.74 -3.70
N THR A 53 16.69 12.70 -2.59
CA THR A 53 15.76 11.59 -2.29
C THR A 53 14.27 11.91 -2.54
N VAL A 54 13.97 12.99 -3.23
CA VAL A 54 12.60 13.24 -3.73
C VAL A 54 12.26 12.25 -4.87
N ARG A 55 11.07 11.66 -4.84
CA ARG A 55 10.57 10.87 -5.96
C ARG A 55 9.11 11.23 -6.20
N GLU A 56 8.56 10.79 -7.34
CA GLU A 56 7.12 10.79 -7.60
C GLU A 56 6.40 9.68 -6.80
N HIS A 57 5.18 9.98 -6.37
CA HIS A 57 4.40 9.08 -5.56
C HIS A 57 3.18 8.61 -6.30
N ARG A 58 2.70 7.41 -5.95
CA ARG A 58 1.61 6.73 -6.68
C ARG A 58 0.27 7.44 -6.56
N ASP A 59 0.14 8.32 -5.54
CA ASP A 59 -1.06 9.14 -5.36
C ASP A 59 -1.12 10.42 -6.18
N GLY A 60 -0.16 10.61 -7.08
CA GLY A 60 -0.10 11.79 -7.93
C GLY A 60 0.13 13.12 -7.21
N GLY A 61 0.56 13.05 -5.94
CA GLY A 61 0.72 14.25 -5.10
C GLY A 61 -0.41 14.51 -4.10
N HIS A 62 -1.37 13.59 -4.00
CA HIS A 62 -2.54 13.82 -3.18
C HIS A 62 -2.20 14.10 -1.71
N ALA A 63 -1.28 13.30 -1.14
CA ALA A 63 -0.99 13.41 0.28
C ALA A 63 0.01 14.53 0.59
N GLY A 64 1.11 14.58 -0.16
CA GLY A 64 2.22 15.50 0.13
C GLY A 64 2.39 16.73 -0.76
N GLY A 65 1.61 16.81 -1.84
CA GLY A 65 1.74 17.88 -2.80
C GLY A 65 2.50 17.53 -4.07
N ILE A 66 2.40 18.40 -5.05
CA ILE A 66 3.10 18.25 -6.31
C ILE A 66 4.38 19.09 -6.32
N PHE A 67 5.54 18.43 -6.46
CA PHE A 67 6.86 19.06 -6.40
C PHE A 67 7.98 18.11 -6.81
N ASN A 68 9.06 18.69 -7.33
CA ASN A 68 10.28 17.95 -7.64
C ASN A 68 11.44 18.29 -6.74
N ARG A 69 11.34 19.40 -6.00
CA ARG A 69 12.40 19.83 -5.12
C ARG A 69 11.84 20.73 -4.01
N TYR A 70 12.69 21.06 -3.05
CA TYR A 70 12.32 21.92 -1.93
C TYR A 70 13.08 23.26 -1.91
N ASN A 71 12.51 24.24 -1.20
CA ASN A 71 13.22 25.45 -0.80
C ASN A 71 13.59 25.27 0.65
N ILE A 72 14.85 25.03 0.94
CA ILE A 72 15.27 24.80 2.33
C ILE A 72 15.44 26.16 3.00
N LEU A 73 14.80 26.34 4.15
CA LEU A 73 14.78 27.64 4.84
C LEU A 73 15.74 27.66 6.03
N LYS A 74 15.84 26.54 6.71
CA LYS A 74 16.68 26.42 7.89
C LYS A 74 17.00 24.96 8.18
N ILE A 75 18.23 24.71 8.66
CA ILE A 75 18.59 23.43 9.24
C ILE A 75 19.20 23.64 10.63
N GLN A 76 18.63 22.98 11.63
CA GLN A 76 19.06 23.10 13.01
C GLN A 76 19.49 21.76 13.59
N LYS A 77 20.57 21.76 14.36
CA LYS A 77 21.00 20.60 15.11
C LYS A 77 20.23 20.54 16.41
N VAL A 78 19.70 19.35 16.74
CA VAL A 78 18.91 19.14 17.93
C VAL A 78 19.86 18.59 18.99
N CYS A 79 20.02 19.30 20.10
CA CYS A 79 20.97 18.92 21.16
CA CYS A 79 20.98 18.93 21.15
C CYS A 79 20.25 18.71 22.48
N ASN A 80 20.26 17.46 22.96
CA ASN A 80 19.71 17.07 24.25
C ASN A 80 20.53 15.89 24.81
N LYS A 81 21.29 16.16 25.86
CA LYS A 81 22.22 15.18 26.44
C LYS A 81 21.52 13.93 26.97
N LYS A 82 20.41 14.11 27.67
CA LYS A 82 19.64 13.01 28.19
C LYS A 82 19.06 12.12 27.07
N LEU A 83 18.50 12.72 26.02
CA LEU A 83 17.97 11.95 24.92
C LEU A 83 19.08 11.24 24.13
N TRP A 84 20.24 11.87 24.02
CA TRP A 84 21.38 11.27 23.31
C TRP A 84 21.88 10.05 24.11
N GLU A 85 21.97 10.20 25.43
CA GLU A 85 22.45 9.09 26.25
C GLU A 85 21.46 7.91 26.26
N ARG A 86 20.17 8.20 26.20
CA ARG A 86 19.13 7.18 26.03
C ARG A 86 19.33 6.40 24.71
N TYR A 87 19.55 7.13 23.64
CA TYR A 87 19.85 6.51 22.34
C TYR A 87 21.11 5.63 22.37
N THR A 88 22.23 6.16 22.85
CA THR A 88 23.51 5.41 22.85
C THR A 88 23.48 4.21 23.78
N HIS A 89 22.75 4.32 24.90
CA HIS A 89 22.57 3.16 25.79
C HIS A 89 21.92 2.00 25.03
N ARG A 90 20.83 2.29 24.31
CA ARG A 90 20.12 1.27 23.56
C ARG A 90 20.94 0.78 22.36
N ARG A 91 21.71 1.65 21.73
CA ARG A 91 22.52 1.30 20.58
C ARG A 91 23.53 0.20 20.96
N LYS A 92 24.13 0.37 22.14
CA LYS A 92 25.10 -0.54 22.70
C LYS A 92 24.45 -1.89 23.04
N GLU A 93 23.25 -1.90 23.60
CA GLU A 93 22.51 -3.15 23.80
C GLU A 93 22.30 -3.92 22.50
N VAL A 94 21.76 -3.23 21.48
CA VAL A 94 21.53 -3.84 20.17
C VAL A 94 22.82 -4.37 19.54
N SER A 95 23.87 -3.57 19.55
CA SER A 95 25.15 -3.94 18.95
CA SER A 95 25.13 -3.96 18.93
CA SER A 95 25.15 -3.95 18.95
C SER A 95 25.68 -5.22 19.60
N GLU A 96 25.61 -5.29 20.91
CA GLU A 96 26.11 -6.48 21.62
C GLU A 96 25.27 -7.74 21.30
N GLU A 97 24.00 -7.58 20.91
CA GLU A 97 23.14 -8.69 20.43
C GLU A 97 23.35 -9.04 18.94
N ASN A 98 24.18 -8.28 18.23
CA ASN A 98 24.31 -8.40 16.75
C ASN A 98 25.77 -8.27 16.32
N HIS A 99 26.62 -9.10 16.90
CA HIS A 99 28.06 -9.16 16.56
C HIS A 99 28.70 -7.77 16.43
N ASN A 100 28.45 -6.91 17.41
CA ASN A 100 29.00 -5.55 17.48
C ASN A 100 28.65 -4.66 16.29
N HIS A 101 27.42 -4.80 15.80
CA HIS A 101 26.95 -4.06 14.64
C HIS A 101 25.57 -3.48 14.93
N ALA A 102 25.52 -2.19 15.20
CA ALA A 102 24.25 -1.47 15.43
C ALA A 102 23.38 -1.37 14.19
N ASN A 103 24.01 -1.41 13.01
CA ASN A 103 23.33 -1.17 11.73
C ASN A 103 22.58 0.16 11.78
N GLU A 104 23.35 1.24 12.01
CA GLU A 104 22.82 2.56 12.17
C GLU A 104 22.68 3.29 10.81
N ARG A 105 21.53 3.92 10.59
CA ARG A 105 21.22 4.64 9.35
C ARG A 105 20.80 6.10 9.69
N MET A 106 20.80 6.99 8.69
CA MET A 106 20.25 8.32 8.81
C MET A 106 19.03 8.34 7.88
N LEU A 107 17.87 8.59 8.48
CA LEU A 107 16.57 8.42 7.82
C LEU A 107 15.61 9.58 8.15
N PHE A 108 14.63 9.82 7.29
CA PHE A 108 13.68 10.91 7.48
C PHE A 108 12.47 10.47 8.27
N HIS A 109 11.89 11.43 9.00
CA HIS A 109 10.64 11.24 9.69
C HIS A 109 9.81 12.50 9.61
N GLY A 110 8.56 12.33 9.16
CA GLY A 110 7.59 13.43 9.11
C GLY A 110 6.43 13.12 10.03
N SER A 111 5.94 14.12 10.76
CA SER A 111 4.94 13.88 11.80
C SER A 111 4.26 15.16 12.27
N PRO A 112 2.97 15.09 12.58
CA PRO A 112 2.35 16.20 13.31
C PRO A 112 2.94 16.45 14.69
N PHE A 113 3.69 15.50 15.23
CA PHE A 113 4.23 15.60 16.59
C PHE A 113 5.70 16.02 16.65
N VAL A 114 6.20 16.60 15.57
CA VAL A 114 7.62 16.96 15.49
C VAL A 114 8.09 17.79 16.68
N ASN A 115 7.25 18.74 17.11
CA ASN A 115 7.64 19.59 18.23
C ASN A 115 7.73 18.83 19.55
N ALA A 116 6.85 17.87 19.80
CA ALA A 116 6.99 17.04 20.98
C ALA A 116 8.21 16.10 20.90
N ILE A 117 8.49 15.59 19.70
CA ILE A 117 9.57 14.62 19.55
C ILE A 117 10.92 15.24 19.92
N ILE A 118 11.15 16.47 19.49
CA ILE A 118 12.48 17.06 19.69
C ILE A 118 12.70 17.44 21.15
N HIS A 119 11.61 17.64 21.89
CA HIS A 119 11.72 17.98 23.34
C HIS A 119 11.69 16.78 24.28
N LYS A 120 10.93 15.75 23.96
CA LYS A 120 10.73 14.59 24.82
C LYS A 120 11.30 13.29 24.25
N GLY A 121 11.67 13.28 22.98
CA GLY A 121 12.16 12.05 22.34
C GLY A 121 11.03 11.23 21.75
N PHE A 122 11.39 10.20 20.97
CA PHE A 122 10.41 9.29 20.41
C PHE A 122 9.86 8.33 21.47
N ASP A 123 8.55 8.11 21.45
CA ASP A 123 7.89 7.09 22.28
C ASP A 123 6.60 6.56 21.61
N GLU A 124 5.89 5.66 22.29
CA GLU A 124 4.63 5.06 21.77
C GLU A 124 3.56 6.03 21.24
N ARG A 125 3.55 7.27 21.72
CA ARG A 125 2.59 8.27 21.22
C ARG A 125 2.84 8.69 19.78
N HIS A 126 4.03 8.39 19.26
CA HIS A 126 4.42 8.86 17.91
C HIS A 126 4.36 7.74 16.86
N ALA A 127 3.81 6.58 17.25
CA ALA A 127 3.73 5.41 16.36
C ALA A 127 2.58 5.55 15.35
N TYR A 128 2.75 4.95 14.17
CA TYR A 128 1.68 4.88 13.18
C TYR A 128 0.88 3.60 13.49
N ILE A 129 -0.21 3.76 14.24
CA ILE A 129 -0.90 2.58 14.77
C ILE A 129 -1.38 1.69 13.64
N GLY A 130 -1.86 2.30 12.55
CA GLY A 130 -2.39 1.54 11.42
C GLY A 130 -1.41 1.22 10.31
N GLY A 131 -0.10 1.34 10.59
CA GLY A 131 0.89 1.04 9.57
C GLY A 131 0.86 -0.42 9.12
N MET A 132 1.30 -0.69 7.91
CA MET A 132 1.20 -2.04 7.35
CA MET A 132 1.20 -2.04 7.35
C MET A 132 2.21 -3.03 7.92
N PHE A 133 3.20 -2.51 8.66
CA PHE A 133 4.11 -3.37 9.44
C PHE A 133 3.81 -3.33 10.94
N GLY A 134 2.57 -2.99 11.29
CA GLY A 134 2.13 -2.94 12.70
C GLY A 134 2.45 -1.62 13.39
N ALA A 135 2.01 -1.48 14.64
CA ALA A 135 2.17 -0.20 15.34
C ALA A 135 3.62 -0.05 15.70
N GLY A 136 4.29 0.89 15.07
CA GLY A 136 5.68 1.19 15.34
C GLY A 136 5.99 2.59 14.85
N ILE A 137 7.24 3.00 14.97
CA ILE A 137 7.64 4.32 14.50
C ILE A 137 8.31 4.12 13.15
N TYR A 138 7.77 4.81 12.13
CA TYR A 138 8.14 4.60 10.72
C TYR A 138 9.13 5.66 10.23
N PHE A 139 10.11 5.23 9.45
CA PHE A 139 11.14 6.12 8.86
C PHE A 139 11.31 5.81 7.37
N ALA A 140 11.74 6.80 6.61
CA ALA A 140 11.93 6.69 5.15
C ALA A 140 13.31 7.09 4.64
N GLU A 141 13.78 6.36 3.64
CA GLU A 141 14.93 6.80 2.82
C GLU A 141 14.56 7.98 1.90
N ASN A 142 13.36 7.97 1.34
CA ASN A 142 12.85 9.05 0.50
C ASN A 142 12.29 10.20 1.39
N SER A 143 12.92 11.37 1.33
CA SER A 143 12.38 12.52 2.08
C SER A 143 10.92 12.84 1.66
N SER A 144 10.59 12.63 0.38
CA SER A 144 9.24 12.90 -0.10
C SER A 144 8.19 11.94 0.45
N LYS A 145 8.60 10.72 0.87
CA LYS A 145 7.69 9.84 1.59
C LYS A 145 7.34 10.43 2.98
N SER A 146 8.35 10.85 3.73
CA SER A 146 8.11 11.53 5.03
C SER A 146 7.29 12.82 4.90
N ASN A 147 7.47 13.57 3.81
CA ASN A 147 6.69 14.78 3.55
C ASN A 147 5.17 14.51 3.51
N GLN A 148 4.77 13.30 3.14
CA GLN A 148 3.35 12.94 3.11
C GLN A 148 2.68 12.93 4.50
N TYR A 149 3.47 12.89 5.59
CA TYR A 149 2.96 12.77 6.95
C TYR A 149 3.09 14.03 7.81
N VAL A 150 3.67 15.09 7.25
CA VAL A 150 3.90 16.39 7.96
CA VAL A 150 3.91 16.30 8.06
C VAL A 150 2.59 16.92 8.55
N TYR A 151 1.55 16.88 7.72
CA TYR A 151 0.21 17.34 8.12
C TYR A 151 -0.74 16.20 8.58
N GLY A 152 -0.18 15.01 8.85
CA GLY A 152 -0.94 13.88 9.39
C GLY A 152 -0.96 12.72 8.40
N ILE A 153 -1.59 11.62 8.81
CA ILE A 153 -1.73 10.43 7.95
C ILE A 153 -2.48 10.83 6.68
N GLY A 154 -1.94 10.48 5.51
CA GLY A 154 -2.53 10.85 4.23
C GLY A 154 -2.48 12.33 3.90
N GLY A 155 -1.64 13.08 4.60
CA GLY A 155 -1.65 14.53 4.49
C GLY A 155 -2.73 15.26 5.32
N GLY A 156 -3.54 14.52 6.08
CA GLY A 156 -4.66 15.09 6.86
C GLY A 156 -5.50 16.02 6.01
N THR A 157 -5.75 17.24 6.51
CA THR A 157 -6.44 18.28 5.73
C THR A 157 -5.49 19.37 5.18
N GLY A 158 -4.20 19.07 5.13
CA GLY A 158 -3.25 20.00 4.60
C GLY A 158 -2.81 21.01 5.64
N CYS A 159 -2.22 22.09 5.18
CA CYS A 159 -1.68 23.11 6.08
C CYS A 159 -2.78 23.70 6.98
N PRO A 160 -2.43 24.13 8.20
CA PRO A 160 -3.50 24.67 9.06
C PRO A 160 -4.11 26.00 8.56
N VAL A 161 -3.33 26.79 7.83
CA VAL A 161 -3.74 28.12 7.37
C VAL A 161 -4.64 28.08 6.12
N HIS A 162 -4.29 27.25 5.13
CA HIS A 162 -5.02 27.22 3.87
C HIS A 162 -5.79 25.92 3.60
N LYS A 163 -5.70 24.94 4.48
CA LYS A 163 -6.28 23.60 4.26
C LYS A 163 -5.84 22.99 2.91
N ASP A 164 -4.56 23.13 2.56
CA ASP A 164 -4.04 22.72 1.26
C ASP A 164 -2.87 21.75 1.46
N ARG A 165 -3.07 20.49 1.10
CA ARG A 165 -2.00 19.48 1.17
C ARG A 165 -0.84 19.80 0.24
N SER A 166 -1.07 20.61 -0.81
CA SER A 166 -0.02 21.00 -1.73
C SER A 166 0.38 22.47 -1.54
N CYS A 167 0.22 23.00 -0.34
CA CYS A 167 0.51 24.42 -0.12
C CYS A 167 1.96 24.74 -0.42
N TYR A 168 2.19 25.77 -1.23
CA TYR A 168 3.55 26.23 -1.57
C TYR A 168 4.05 27.41 -0.74
N ILE A 169 3.22 27.88 0.18
CA ILE A 169 3.51 29.08 0.97
C ILE A 169 3.97 28.69 2.37
N CYS A 170 3.21 27.83 3.03
CA CYS A 170 3.44 27.53 4.43
C CYS A 170 4.73 26.71 4.63
N HIS A 171 5.35 26.99 5.77
CA HIS A 171 6.59 26.33 6.21
C HIS A 171 6.33 24.97 6.84
N ARG A 172 7.05 23.95 6.35
CA ARG A 172 6.96 22.58 6.82
C ARG A 172 8.24 22.24 7.54
N GLN A 173 8.17 21.23 8.39
CA GLN A 173 9.34 20.67 9.10
C GLN A 173 9.40 19.15 8.97
N LEU A 174 10.61 18.60 8.82
CA LEU A 174 10.89 17.16 8.74
C LEU A 174 12.05 16.93 9.73
N LEU A 175 12.16 15.72 10.28
CA LEU A 175 13.34 15.31 11.03
C LEU A 175 14.25 14.40 10.21
N PHE A 176 15.56 14.61 10.32
CA PHE A 176 16.56 13.69 9.77
C PHE A 176 17.23 13.03 10.98
N CYS A 177 17.00 11.74 11.14
CA CYS A 177 17.21 11.01 12.39
C CYS A 177 18.26 9.95 12.30
N ARG A 178 18.94 9.71 13.42
CA ARG A 178 19.89 8.60 13.56
C ARG A 178 19.12 7.41 14.10
N VAL A 179 19.10 6.30 13.35
CA VAL A 179 18.23 5.15 13.66
C VAL A 179 19.01 3.83 13.77
N THR A 180 18.84 3.12 14.88
CA THR A 180 19.47 1.84 15.07
C THR A 180 18.56 0.73 14.55
N LEU A 181 18.97 0.02 13.49
CA LEU A 181 18.15 -1.10 12.98
C LEU A 181 18.46 -2.47 13.55
N GLY A 182 19.69 -2.70 14.00
CA GLY A 182 20.10 -4.04 14.41
C GLY A 182 19.88 -5.08 13.31
N LYS A 183 19.47 -6.27 13.72
CA LYS A 183 19.04 -7.31 12.83
C LYS A 183 17.62 -7.02 12.36
N SER A 184 17.48 -6.68 11.08
CA SER A 184 16.20 -6.20 10.57
C SER A 184 15.45 -7.30 9.84
N PHE A 185 14.18 -7.44 10.12
CA PHE A 185 13.30 -8.39 9.41
C PHE A 185 12.88 -7.88 8.03
N LEU A 186 13.21 -8.61 6.96
CA LEU A 186 12.95 -8.17 5.59
C LEU A 186 11.55 -8.56 5.12
N GLN A 187 10.73 -7.57 4.83
CA GLN A 187 9.38 -7.77 4.30
C GLN A 187 9.35 -7.28 2.86
N PHE A 188 9.05 -8.16 1.92
CA PHE A 188 9.01 -7.80 0.51
C PHE A 188 7.55 -7.31 0.32
N SER A 189 7.34 -6.18 -0.32
CA SER A 189 5.99 -5.58 -0.27
C SER A 189 5.70 -4.60 -1.40
N ALA A 190 4.42 -4.47 -1.73
CA ALA A 190 3.97 -3.63 -2.88
C ALA A 190 4.12 -2.10 -2.67
N GLY B 30 -1.39 7.27 -16.53
CA GLY B 30 -2.52 8.13 -16.09
C GLY B 30 -3.23 7.69 -14.81
N THR B 31 -2.80 6.60 -14.19
CA THR B 31 -3.46 6.09 -12.99
C THR B 31 -2.86 6.69 -11.72
N ILE B 32 -3.74 7.10 -10.82
CA ILE B 32 -3.36 7.46 -9.47
C ILE B 32 -4.15 6.64 -8.46
N LEU B 33 -3.48 6.37 -7.35
CA LEU B 33 -3.98 5.53 -6.27
C LEU B 33 -4.15 6.39 -5.03
N ILE B 34 -5.38 6.47 -4.53
CA ILE B 34 -5.69 7.27 -3.34
C ILE B 34 -5.98 6.35 -2.15
N ASP B 35 -5.23 6.49 -1.06
CA ASP B 35 -5.45 5.68 0.13
C ASP B 35 -6.75 6.02 0.80
N LEU B 36 -7.54 5.02 1.18
CA LEU B 36 -8.72 5.26 2.00
C LEU B 36 -8.37 5.10 3.47
N SER B 37 -8.91 5.98 4.32
CA SER B 37 -8.72 5.84 5.76
C SER B 37 -9.53 4.67 6.32
N PRO B 38 -8.96 3.88 7.24
CA PRO B 38 -9.76 2.83 7.91
C PRO B 38 -10.96 3.35 8.69
N ASP B 39 -10.97 4.64 9.03
CA ASP B 39 -12.12 5.26 9.68
C ASP B 39 -13.24 5.67 8.75
N ASP B 40 -13.02 5.57 7.44
CA ASP B 40 -13.98 5.92 6.38
C ASP B 40 -14.98 4.77 6.14
N LYS B 41 -16.24 5.09 6.03
CA LYS B 41 -17.24 4.08 5.70
C LYS B 41 -16.94 3.31 4.43
N GLU B 42 -16.35 3.96 3.44
CA GLU B 42 -16.01 3.26 2.20
C GLU B 42 -14.99 2.11 2.44
N PHE B 43 -13.95 2.40 3.20
CA PHE B 43 -12.95 1.38 3.57
C PHE B 43 -13.64 0.24 4.29
N GLN B 44 -14.51 0.58 5.24
CA GLN B 44 -15.16 -0.44 6.06
C GLN B 44 -16.08 -1.33 5.26
N SER B 45 -16.75 -0.75 4.27
CA SER B 45 -17.62 -1.47 3.39
C SER B 45 -16.85 -2.48 2.50
N VAL B 46 -15.71 -2.05 1.96
CA VAL B 46 -14.90 -2.93 1.12
C VAL B 46 -14.32 -4.07 1.97
N GLU B 47 -13.81 -3.75 3.16
CA GLU B 47 -13.29 -4.78 4.06
C GLU B 47 -14.37 -5.85 4.37
N GLU B 48 -15.57 -5.39 4.69
CA GLU B 48 -16.65 -6.33 5.06
C GLU B 48 -17.01 -7.27 3.89
N GLU B 49 -17.02 -6.74 2.67
CA GLU B 49 -17.23 -7.58 1.50
C GLU B 49 -16.14 -8.63 1.35
N MET B 50 -14.87 -8.24 1.55
CA MET B 50 -13.79 -9.23 1.60
C MET B 50 -13.99 -10.34 2.65
N GLN B 51 -14.13 -9.93 3.91
CA GLN B 51 -14.22 -10.86 5.01
C GLN B 51 -15.47 -11.74 4.95
N SER B 52 -16.60 -11.17 4.54
CA SER B 52 -17.88 -11.90 4.61
C SER B 52 -18.02 -12.90 3.48
N THR B 53 -17.18 -12.82 2.46
CA THR B 53 -17.24 -13.76 1.31
C THR B 53 -16.09 -14.80 1.27
N VAL B 54 -15.41 -15.00 2.38
CA VAL B 54 -14.49 -16.14 2.50
C VAL B 54 -15.31 -17.44 2.66
N ARG B 55 -14.94 -18.48 1.92
CA ARG B 55 -15.52 -19.81 2.09
C ARG B 55 -14.43 -20.86 2.09
N GLU B 56 -14.85 -22.10 2.40
CA GLU B 56 -13.99 -23.26 2.28
C GLU B 56 -13.96 -23.69 0.83
N HIS B 57 -12.80 -24.16 0.40
CA HIS B 57 -12.60 -24.62 -0.96
C HIS B 57 -12.34 -26.13 -1.02
N ARG B 58 -12.77 -26.76 -2.12
CA ARG B 58 -12.70 -28.23 -2.25
C ARG B 58 -11.28 -28.77 -2.32
N ASP B 59 -10.29 -27.90 -2.58
CA ASP B 59 -8.88 -28.27 -2.54
C ASP B 59 -8.24 -28.23 -1.14
N GLY B 60 -9.04 -27.96 -0.11
CA GLY B 60 -8.56 -27.99 1.25
C GLY B 60 -7.53 -26.89 1.56
N GLY B 61 -7.46 -25.86 0.70
CA GLY B 61 -6.43 -24.80 0.83
C GLY B 61 -5.22 -24.90 -0.09
N HIS B 62 -5.19 -25.90 -0.96
CA HIS B 62 -4.02 -26.13 -1.78
C HIS B 62 -3.62 -24.91 -2.61
N ALA B 63 -4.56 -24.30 -3.32
CA ALA B 63 -4.22 -23.20 -4.23
C ALA B 63 -4.04 -21.89 -3.50
N GLY B 64 -4.97 -21.55 -2.60
CA GLY B 64 -4.98 -20.19 -1.97
C GLY B 64 -4.50 -20.08 -0.54
N GLY B 65 -4.30 -21.22 0.11
CA GLY B 65 -3.95 -21.28 1.54
C GLY B 65 -5.07 -21.63 2.48
N ILE B 66 -4.70 -21.87 3.73
CA ILE B 66 -5.65 -22.21 4.78
C ILE B 66 -5.91 -20.98 5.65
N PHE B 67 -7.17 -20.55 5.66
CA PHE B 67 -7.58 -19.33 6.37
C PHE B 67 -9.10 -19.18 6.39
N ASN B 68 -9.58 -18.44 7.40
CA ASN B 68 -10.98 -18.07 7.54
C ASN B 68 -11.23 -16.59 7.42
N ARG B 69 -10.16 -15.78 7.52
CA ARG B 69 -10.25 -14.33 7.44
C ARG B 69 -8.93 -13.70 6.99
N TYR B 70 -8.97 -12.40 6.68
CA TYR B 70 -7.79 -11.65 6.25
C TYR B 70 -7.37 -10.60 7.26
N ASN B 71 -6.10 -10.24 7.19
CA ASN B 71 -5.61 -8.96 7.74
C ASN B 71 -5.49 -7.91 6.61
N ILE B 72 -6.43 -6.95 6.57
CA ILE B 72 -6.45 -5.93 5.53
C ILE B 72 -5.44 -4.85 5.92
N LEU B 73 -4.46 -4.65 5.06
CA LEU B 73 -3.38 -3.69 5.31
C LEU B 73 -3.61 -2.30 4.71
N LYS B 74 -4.24 -2.26 3.55
CA LYS B 74 -4.47 -1.04 2.81
C LYS B 74 -5.56 -1.25 1.74
N ILE B 75 -6.36 -0.22 1.52
CA ILE B 75 -7.33 -0.20 0.43
C ILE B 75 -7.18 1.13 -0.28
N GLN B 76 -6.90 1.06 -1.58
CA GLN B 76 -6.76 2.25 -2.40
C GLN B 76 -7.81 2.34 -3.51
N LYS B 77 -8.28 3.56 -3.76
CA LYS B 77 -9.12 3.86 -4.91
C LYS B 77 -8.24 4.05 -6.12
N VAL B 78 -8.63 3.45 -7.24
CA VAL B 78 -7.87 3.51 -8.51
C VAL B 78 -8.54 4.53 -9.44
N CYS B 79 -7.84 5.60 -9.81
CA CYS B 79 -8.42 6.70 -10.61
C CYS B 79 -7.67 6.82 -11.92
N ASN B 80 -8.38 6.60 -13.03
CA ASN B 80 -7.82 6.80 -14.34
C ASN B 80 -8.95 7.27 -15.27
N LYS B 81 -8.88 8.54 -15.67
CA LYS B 81 -9.92 9.19 -16.48
C LYS B 81 -10.15 8.47 -17.82
N LYS B 82 -9.07 8.16 -18.53
CA LYS B 82 -9.19 7.50 -19.83
C LYS B 82 -9.79 6.09 -19.71
N LEU B 83 -9.34 5.30 -18.74
CA LEU B 83 -9.91 3.96 -18.52
C LEU B 83 -11.36 4.03 -18.06
N TRP B 84 -11.72 5.06 -17.29
CA TRP B 84 -13.09 5.23 -16.85
C TRP B 84 -14.02 5.50 -18.04
N GLU B 85 -13.60 6.41 -18.91
CA GLU B 85 -14.38 6.73 -20.11
C GLU B 85 -14.52 5.52 -21.04
N ARG B 86 -13.46 4.73 -21.17
CA ARG B 86 -13.52 3.48 -21.92
C ARG B 86 -14.61 2.55 -21.33
N TYR B 87 -14.61 2.42 -20.00
CA TYR B 87 -15.63 1.63 -19.31
C TYR B 87 -17.07 2.16 -19.52
N THR B 88 -17.30 3.45 -19.29
CA THR B 88 -18.66 4.02 -19.36
C THR B 88 -19.22 4.06 -20.79
N HIS B 89 -18.35 4.15 -21.77
CA HIS B 89 -18.76 4.10 -23.17
C HIS B 89 -19.28 2.71 -23.54
N ARG B 90 -18.55 1.66 -23.13
CA ARG B 90 -19.01 0.29 -23.33
C ARG B 90 -20.27 0.02 -22.51
N ARG B 91 -20.33 0.52 -21.28
CA ARG B 91 -21.48 0.29 -20.44
C ARG B 91 -22.75 0.82 -21.11
N LYS B 92 -22.61 1.95 -21.80
CA LYS B 92 -23.74 2.59 -22.48
C LYS B 92 -24.23 1.78 -23.67
N GLU B 93 -23.30 1.23 -24.44
CA GLU B 93 -23.61 0.32 -25.57
C GLU B 93 -24.32 -0.94 -25.07
N VAL B 94 -23.78 -1.55 -24.01
CA VAL B 94 -24.40 -2.77 -23.46
C VAL B 94 -25.78 -2.50 -22.87
N SER B 95 -25.92 -1.42 -22.11
CA SER B 95 -27.19 -1.03 -21.54
C SER B 95 -28.27 -0.87 -22.61
N GLU B 96 -27.95 -0.20 -23.70
CA GLU B 96 -28.94 0.04 -24.76
C GLU B 96 -29.31 -1.26 -25.48
N GLU B 97 -28.35 -2.14 -25.66
CA GLU B 97 -28.61 -3.45 -26.26
C GLU B 97 -29.47 -4.32 -25.36
N ASN B 98 -29.37 -4.11 -24.05
CA ASN B 98 -30.09 -4.92 -23.09
C ASN B 98 -31.28 -4.18 -22.52
N HIS B 99 -31.93 -3.35 -23.35
CA HIS B 99 -33.17 -2.66 -23.00
C HIS B 99 -33.07 -1.80 -21.74
N ASN B 100 -32.01 -0.99 -21.74
CA ASN B 100 -31.67 -0.02 -20.69
CA ASN B 100 -31.72 -0.02 -20.68
C ASN B 100 -31.33 -0.68 -19.34
N HIS B 101 -30.56 -1.76 -19.38
CA HIS B 101 -30.11 -2.43 -18.15
C HIS B 101 -28.67 -2.91 -18.29
N ALA B 102 -27.74 -2.15 -17.69
CA ALA B 102 -26.32 -2.52 -17.72
C ALA B 102 -26.00 -3.80 -16.92
N ASN B 103 -26.78 -4.08 -15.88
CA ASN B 103 -26.59 -5.27 -14.99
C ASN B 103 -25.18 -5.20 -14.39
N GLU B 104 -24.88 -4.06 -13.76
CA GLU B 104 -23.53 -3.77 -13.25
C GLU B 104 -23.33 -4.29 -11.83
N ARG B 105 -22.21 -4.99 -11.59
CA ARG B 105 -21.92 -5.59 -10.28
C ARG B 105 -20.55 -5.13 -9.77
N MET B 106 -20.31 -5.36 -8.48
CA MET B 106 -18.97 -5.24 -7.88
C MET B 106 -18.48 -6.65 -7.58
N LEU B 107 -17.33 -7.05 -8.15
CA LEU B 107 -16.83 -8.42 -8.10
C LEU B 107 -15.32 -8.44 -7.89
N PHE B 108 -14.81 -9.51 -7.30
CA PHE B 108 -13.36 -9.64 -7.07
C PHE B 108 -12.61 -10.19 -8.29
N HIS B 109 -11.35 -9.78 -8.41
CA HIS B 109 -10.41 -10.34 -9.38
C HIS B 109 -9.01 -10.49 -8.77
N GLY B 110 -8.48 -11.71 -8.79
CA GLY B 110 -7.10 -11.98 -8.39
C GLY B 110 -6.28 -12.36 -9.62
N SER B 111 -5.04 -11.90 -9.73
CA SER B 111 -4.27 -12.15 -10.95
C SER B 111 -2.79 -11.83 -10.72
N PRO B 112 -1.89 -12.60 -11.36
CA PRO B 112 -0.48 -12.19 -11.37
C PRO B 112 -0.24 -10.90 -12.17
N PHE B 113 -1.23 -10.43 -12.95
CA PHE B 113 -1.09 -9.19 -13.74
C PHE B 113 -1.71 -7.93 -13.11
N VAL B 114 -2.01 -7.97 -11.83
CA VAL B 114 -2.69 -6.89 -11.13
C VAL B 114 -1.98 -5.50 -11.33
N ASN B 115 -0.65 -5.47 -11.28
CA ASN B 115 0.10 -4.20 -11.47
CA ASN B 115 0.08 -4.21 -11.44
C ASN B 115 -0.10 -3.63 -12.86
N ALA B 116 -0.17 -4.50 -13.86
CA ALA B 116 -0.44 -4.06 -15.24
C ALA B 116 -1.91 -3.65 -15.47
N ILE B 117 -2.83 -4.36 -14.84
CA ILE B 117 -4.24 -4.05 -14.99
C ILE B 117 -4.59 -2.65 -14.51
N ILE B 118 -4.09 -2.26 -13.36
CA ILE B 118 -4.41 -0.93 -12.83
C ILE B 118 -3.85 0.23 -13.68
N HIS B 119 -2.81 -0.03 -14.47
CA HIS B 119 -2.20 1.02 -15.31
C HIS B 119 -2.72 1.06 -16.73
N LYS B 120 -2.99 -0.10 -17.30
CA LYS B 120 -3.35 -0.23 -18.70
C LYS B 120 -4.80 -0.67 -18.93
N GLY B 121 -5.48 -1.13 -17.88
CA GLY B 121 -6.86 -1.62 -18.02
C GLY B 121 -6.89 -3.09 -18.35
N PHE B 122 -8.07 -3.70 -18.27
CA PHE B 122 -8.26 -5.09 -18.66
C PHE B 122 -8.24 -5.24 -20.19
N ASP B 123 -7.56 -6.26 -20.68
CA ASP B 123 -7.65 -6.68 -22.09
C ASP B 123 -7.35 -8.17 -22.22
N GLU B 124 -7.20 -8.64 -23.45
CA GLU B 124 -7.01 -10.08 -23.71
C GLU B 124 -5.79 -10.73 -23.05
N ARG B 125 -4.76 -9.95 -22.72
CA ARG B 125 -3.59 -10.51 -22.00
C ARG B 125 -3.95 -10.99 -20.58
N HIS B 126 -5.10 -10.56 -20.07
CA HIS B 126 -5.51 -10.92 -18.69
C HIS B 126 -6.56 -12.03 -18.59
N ALA B 127 -6.85 -12.66 -19.73
CA ALA B 127 -7.86 -13.73 -19.78
C ALA B 127 -7.32 -15.06 -19.28
N TYR B 128 -8.21 -15.83 -18.66
CA TYR B 128 -7.93 -17.20 -18.27
C TYR B 128 -8.25 -18.06 -19.48
N ILE B 129 -7.22 -18.35 -20.26
CA ILE B 129 -7.38 -19.05 -21.55
C ILE B 129 -8.05 -20.40 -21.35
N GLY B 130 -7.66 -21.14 -20.32
CA GLY B 130 -8.22 -22.47 -20.06
C GLY B 130 -9.43 -22.55 -19.13
N GLY B 131 -10.10 -21.42 -18.87
CA GLY B 131 -11.26 -21.42 -17.98
C GLY B 131 -12.42 -22.24 -18.54
N MET B 132 -13.25 -22.76 -17.64
CA MET B 132 -14.39 -23.62 -17.99
C MET B 132 -15.47 -23.02 -18.89
N PHE B 133 -15.58 -21.68 -18.93
CA PHE B 133 -16.54 -21.00 -19.79
C PHE B 133 -15.86 -20.30 -20.98
N GLY B 134 -14.69 -20.81 -21.34
CA GLY B 134 -13.94 -20.31 -22.47
C GLY B 134 -13.00 -19.21 -22.05
N ALA B 135 -12.18 -18.77 -23.00
CA ALA B 135 -11.20 -17.74 -22.75
C ALA B 135 -11.90 -16.39 -22.62
N GLY B 136 -11.86 -15.89 -21.39
CA GLY B 136 -12.42 -14.59 -21.07
C GLY B 136 -11.84 -14.16 -19.75
N ILE B 137 -12.32 -13.04 -19.24
CA ILE B 137 -11.79 -12.50 -17.96
C ILE B 137 -12.79 -12.87 -16.87
N TYR B 138 -12.30 -13.54 -15.83
CA TYR B 138 -13.11 -14.21 -14.83
C TYR B 138 -13.16 -13.38 -13.53
N PHE B 139 -14.35 -13.25 -12.93
CA PHE B 139 -14.56 -12.54 -11.67
C PHE B 139 -15.34 -13.41 -10.68
N ALA B 140 -15.15 -13.14 -9.38
CA ALA B 140 -15.80 -13.91 -8.31
C ALA B 140 -16.58 -13.06 -7.29
N GLU B 141 -17.74 -13.56 -6.86
CA GLU B 141 -18.42 -13.05 -5.66
C GLU B 141 -17.65 -13.45 -4.36
N ASN B 142 -17.00 -14.62 -4.36
CA ASN B 142 -16.20 -15.08 -3.20
C ASN B 142 -14.79 -14.49 -3.27
N SER B 143 -14.41 -13.60 -2.34
CA SER B 143 -13.04 -13.12 -2.28
C SER B 143 -12.00 -14.28 -2.27
N SER B 144 -12.31 -15.37 -1.56
CA SER B 144 -11.38 -16.49 -1.40
C SER B 144 -11.20 -17.27 -2.71
N LYS B 145 -12.17 -17.20 -3.60
CA LYS B 145 -12.03 -17.77 -4.95
C LYS B 145 -10.96 -16.98 -5.74
N SER B 146 -11.07 -15.66 -5.75
CA SER B 146 -10.07 -14.81 -6.42
C SER B 146 -8.67 -14.91 -5.76
N ASN B 147 -8.63 -15.06 -4.42
CA ASN B 147 -7.36 -15.31 -3.72
C ASN B 147 -6.57 -16.52 -4.30
N GLN B 148 -7.27 -17.53 -4.81
CA GLN B 148 -6.59 -18.68 -5.42
C GLN B 148 -5.74 -18.35 -6.67
N TYR B 149 -5.94 -17.16 -7.27
CA TYR B 149 -5.24 -16.79 -8.50
C TYR B 149 -4.17 -15.71 -8.33
N VAL B 150 -4.02 -15.18 -7.11
CA VAL B 150 -3.02 -14.12 -6.84
C VAL B 150 -1.59 -14.50 -7.27
N TYR B 151 -1.22 -15.75 -7.06
CA TYR B 151 0.11 -16.23 -7.42
C TYR B 151 0.08 -17.09 -8.70
N GLY B 152 -1.02 -16.99 -9.46
CA GLY B 152 -1.14 -17.68 -10.75
C GLY B 152 -2.23 -18.73 -10.72
N ILE B 153 -2.48 -19.37 -11.85
CA ILE B 153 -3.48 -20.44 -11.96
C ILE B 153 -3.13 -21.55 -10.98
N GLY B 154 -4.09 -22.00 -10.17
CA GLY B 154 -3.82 -23.03 -9.15
C GLY B 154 -2.89 -22.58 -8.01
N GLY B 155 -2.78 -21.27 -7.83
CA GLY B 155 -1.80 -20.70 -6.90
C GLY B 155 -0.34 -20.72 -7.35
N GLY B 156 -0.07 -21.15 -8.60
CA GLY B 156 1.32 -21.32 -9.05
C GLY B 156 2.20 -22.06 -8.06
N THR B 157 3.39 -21.49 -7.79
CA THR B 157 4.31 -22.05 -6.82
C THR B 157 4.26 -21.22 -5.50
N GLY B 158 3.21 -20.42 -5.34
CA GLY B 158 2.99 -19.64 -4.12
C GLY B 158 3.82 -18.36 -4.16
N CYS B 159 4.08 -17.82 -2.98
CA CYS B 159 4.73 -16.51 -2.90
C CYS B 159 6.16 -16.56 -3.44
N PRO B 160 6.67 -15.45 -3.98
CA PRO B 160 8.04 -15.46 -4.52
C PRO B 160 9.09 -15.80 -3.46
N VAL B 161 8.96 -15.22 -2.27
CA VAL B 161 10.00 -15.32 -1.25
C VAL B 161 10.08 -16.69 -0.60
N HIS B 162 8.94 -17.31 -0.29
CA HIS B 162 8.95 -18.58 0.42
C HIS B 162 8.45 -19.79 -0.40
N LYS B 163 7.96 -19.58 -1.62
CA LYS B 163 7.33 -20.66 -2.41
C LYS B 163 6.22 -21.41 -1.66
N ASP B 164 5.37 -20.63 -0.97
CA ASP B 164 4.35 -21.17 -0.09
C ASP B 164 3.00 -20.60 -0.54
N ARG B 165 2.09 -21.46 -1.02
CA ARG B 165 0.76 -20.99 -1.43
C ARG B 165 -0.08 -20.55 -0.24
N SER B 166 0.30 -20.99 0.97
CA SER B 166 -0.38 -20.58 2.20
C SER B 166 0.46 -19.61 3.04
N CYS B 167 1.31 -18.83 2.39
CA CYS B 167 2.20 -17.89 3.16
C CYS B 167 1.37 -16.91 3.99
N TYR B 168 1.68 -16.80 5.29
CA TYR B 168 1.02 -15.86 6.21
C TYR B 168 1.83 -14.56 6.41
N ILE B 169 3.00 -14.49 5.78
CA ILE B 169 3.92 -13.36 5.93
C ILE B 169 3.79 -12.37 4.76
N CYS B 170 3.88 -12.87 3.53
CA CYS B 170 3.96 -12.01 2.37
C CYS B 170 2.63 -11.33 2.05
N HIS B 171 2.72 -10.08 1.62
CA HIS B 171 1.55 -9.26 1.28
C HIS B 171 1.00 -9.63 -0.09
N ARG B 172 -0.34 -9.78 -0.18
CA ARG B 172 -1.06 -10.08 -1.42
C ARG B 172 -1.91 -8.87 -1.84
N GLN B 173 -2.28 -8.83 -3.11
CA GLN B 173 -3.22 -7.81 -3.59
C GLN B 173 -4.39 -8.44 -4.36
N LEU B 174 -5.60 -7.90 -4.18
CA LEU B 174 -6.81 -8.25 -4.96
C LEU B 174 -7.39 -6.97 -5.51
N LEU B 175 -8.17 -7.10 -6.58
CA LEU B 175 -8.97 -6.00 -7.10
C LEU B 175 -10.43 -6.25 -6.79
N PHE B 176 -11.16 -5.17 -6.51
CA PHE B 176 -12.62 -5.17 -6.33
C PHE B 176 -13.13 -4.24 -7.46
N CYS B 177 -13.81 -4.84 -8.43
CA CYS B 177 -14.05 -4.21 -9.75
C CYS B 177 -15.51 -3.94 -10.08
N ARG B 178 -15.77 -2.88 -10.84
CA ARG B 178 -17.07 -2.61 -11.41
C ARG B 178 -17.16 -3.39 -12.73
N VAL B 179 -18.17 -4.27 -12.89
CA VAL B 179 -18.26 -5.16 -14.03
C VAL B 179 -19.66 -5.05 -14.66
N THR B 180 -19.71 -4.86 -15.98
CA THR B 180 -20.97 -4.73 -16.73
C THR B 180 -21.32 -6.10 -17.29
N LEU B 181 -22.39 -6.74 -16.78
CA LEU B 181 -22.77 -8.10 -17.25
C LEU B 181 -23.75 -8.14 -18.45
N GLY B 182 -24.55 -7.09 -18.61
CA GLY B 182 -25.60 -7.05 -19.63
C GLY B 182 -26.51 -8.26 -19.50
N LYS B 183 -26.96 -8.77 -20.63
CA LYS B 183 -27.67 -10.05 -20.71
C LYS B 183 -26.69 -11.18 -20.44
N SER B 184 -26.78 -11.83 -19.29
CA SER B 184 -25.83 -12.84 -18.91
C SER B 184 -26.41 -14.24 -19.15
N PHE B 185 -25.63 -15.08 -19.81
CA PHE B 185 -25.99 -16.47 -20.05
C PHE B 185 -25.74 -17.34 -18.79
N LEU B 186 -26.79 -17.96 -18.28
CA LEU B 186 -26.70 -18.74 -17.05
C LEU B 186 -26.20 -20.16 -17.34
N GLN B 187 -25.07 -20.52 -16.74
CA GLN B 187 -24.49 -21.85 -16.94
C GLN B 187 -24.34 -22.49 -15.58
N PHE B 188 -25.01 -23.60 -15.34
CA PHE B 188 -24.81 -24.32 -14.08
C PHE B 188 -23.57 -25.17 -14.24
N SER B 189 -22.76 -25.24 -13.20
CA SER B 189 -21.49 -25.96 -13.28
C SER B 189 -21.44 -26.94 -12.15
N ALA B 190 -20.68 -28.00 -12.35
CA ALA B 190 -20.69 -29.14 -11.45
C ALA B 190 -19.88 -28.89 -10.18
N MET B 191 -19.20 -27.74 -10.11
CA MET B 191 -18.40 -27.39 -8.94
C MET B 191 -19.23 -27.18 -7.65
N MET C 2 2.64 0.17 21.20
CA MET C 2 3.33 -0.35 20.00
C MET C 2 3.40 -1.87 20.00
N ALA C 3 3.55 -2.45 18.81
CA ALA C 3 3.77 -3.88 18.66
C ALA C 3 5.21 -4.21 19.05
N HIS C 4 5.59 -5.48 18.93
CA HIS C 4 6.95 -5.92 19.17
C HIS C 4 7.62 -6.24 17.83
N SER C 5 8.96 -6.09 17.78
CA SER C 5 9.76 -6.60 16.66
C SER C 5 9.49 -8.09 16.55
N PRO C 6 9.61 -8.64 15.33
CA PRO C 6 9.57 -10.10 15.21
C PRO C 6 10.64 -10.75 16.08
N PRO C 7 10.33 -11.91 16.68
CA PRO C 7 11.31 -12.59 17.55
C PRO C 7 12.66 -12.70 16.88
N GLY C 8 13.73 -12.38 17.62
CA GLY C 8 15.10 -12.42 17.08
C GLY C 8 15.55 -11.22 16.22
N HIS C 9 14.71 -10.19 16.12
CA HIS C 9 15.00 -9.00 15.29
C HIS C 9 14.81 -7.70 16.11
N HIS C 10 15.43 -6.61 15.64
CA HIS C 10 15.33 -5.30 16.29
C HIS C 10 14.53 -4.24 15.52
N SER C 11 14.10 -4.59 14.31
CA SER C 11 13.40 -3.67 13.40
C SER C 11 12.77 -4.46 12.24
N VAL C 12 11.96 -3.78 11.42
CA VAL C 12 11.43 -4.30 10.18
C VAL C 12 11.84 -3.39 9.01
N THR C 13 12.24 -3.98 7.90
CA THR C 13 12.55 -3.29 6.66
C THR C 13 11.45 -3.55 5.64
N GLY C 14 10.85 -2.50 5.10
CA GLY C 14 9.87 -2.64 4.04
C GLY C 14 10.55 -2.44 2.72
N ARG C 15 10.80 -3.55 2.00
CA ARG C 15 11.45 -3.49 0.69
CA ARG C 15 11.44 -3.48 0.68
C ARG C 15 10.44 -3.19 -0.43
N PRO C 16 10.71 -2.19 -1.26
CA PRO C 16 9.77 -1.98 -2.36
C PRO C 16 9.77 -3.17 -3.35
N SER C 17 8.58 -3.71 -3.70
CA SER C 17 8.43 -4.88 -4.62
C SER C 17 7.60 -4.68 -5.93
N VAL C 18 7.22 -3.44 -6.26
CA VAL C 18 6.43 -3.14 -7.49
C VAL C 18 6.98 -1.88 -8.20
N ASN C 19 6.99 -0.76 -7.46
CA ASN C 19 7.62 0.48 -7.89
C ASN C 19 9.14 0.39 -7.79
N GLY C 20 9.75 0.22 -8.96
CA GLY C 20 11.20 0.19 -9.04
C GLY C 20 11.94 1.45 -8.68
N LEU C 21 11.27 2.60 -8.51
CA LEU C 21 12.01 3.79 -8.09
C LEU C 21 11.97 4.04 -6.57
N ALA C 22 11.07 3.38 -5.85
CA ALA C 22 10.89 3.68 -4.41
C ALA C 22 12.08 3.15 -3.62
N LEU C 23 12.51 3.91 -2.61
CA LEU C 23 13.49 3.43 -1.64
C LEU C 23 12.81 2.75 -0.44
N ALA C 24 13.60 2.10 0.39
CA ALA C 24 13.11 1.38 1.54
C ALA C 24 12.51 2.29 2.63
N GLU C 25 11.61 1.68 3.41
CA GLU C 25 11.00 2.24 4.61
C GLU C 25 11.34 1.29 5.77
N TYR C 26 11.39 1.80 6.99
CA TYR C 26 11.85 1.03 8.16
C TYR C 26 10.95 1.32 9.36
N VAL C 27 10.84 0.33 10.27
CA VAL C 27 10.02 0.46 11.47
C VAL C 27 10.79 -0.05 12.66
N ILE C 28 10.79 0.76 13.73
CA ILE C 28 11.33 0.38 15.02
C ILE C 28 10.17 0.37 16.03
N TYR C 29 10.34 -0.44 17.06
CA TYR C 29 9.28 -0.68 18.04
C TYR C 29 9.69 -0.20 19.44
N ARG C 30 10.81 0.50 19.53
CA ARG C 30 11.27 1.10 20.76
C ARG C 30 11.71 2.49 20.39
N GLY C 31 11.15 3.51 21.04
CA GLY C 31 11.57 4.90 20.78
C GLY C 31 13.02 5.22 21.05
N GLU C 32 13.67 4.44 21.93
CA GLU C 32 15.10 4.62 22.24
C GLU C 32 16.04 4.29 21.09
N GLN C 33 15.53 3.65 20.04
CA GLN C 33 16.32 3.32 18.86
C GLN C 33 16.36 4.42 17.78
N ALA C 34 15.92 5.65 18.09
CA ALA C 34 16.08 6.77 17.18
C ALA C 34 16.40 8.04 17.94
N TYR C 35 17.25 8.87 17.36
CA TYR C 35 17.57 10.21 17.90
C TYR C 35 17.29 11.26 16.79
N PRO C 36 16.50 12.29 17.11
CA PRO C 36 16.12 13.30 16.10
C PRO C 36 17.21 14.34 15.92
N GLU C 37 18.18 14.08 15.04
CA GLU C 37 19.42 14.85 15.01
C GLU C 37 19.34 16.21 14.34
N TYR C 38 18.58 16.28 13.26
CA TYR C 38 18.38 17.53 12.52
C TYR C 38 16.91 17.85 12.32
N LEU C 39 16.59 19.12 12.54
CA LEU C 39 15.27 19.70 12.25
C LEU C 39 15.39 20.60 11.01
N ILE C 40 14.68 20.22 9.96
CA ILE C 40 14.76 20.85 8.66
C ILE C 40 13.44 21.61 8.41
N THR C 41 13.54 22.93 8.22
CA THR C 41 12.37 23.77 7.84
C THR C 41 12.44 24.11 6.35
N TYR C 42 11.32 23.94 5.63
CA TYR C 42 11.31 24.00 4.16
C TYR C 42 9.93 24.32 3.59
N GLN C 43 9.91 24.65 2.30
CA GLN C 43 8.71 24.68 1.49
C GLN C 43 8.86 23.71 0.34
N ILE C 44 7.77 23.07 -0.08
CA ILE C 44 7.80 22.37 -1.37
C ILE C 44 7.71 23.44 -2.47
N MET C 45 8.29 23.18 -3.63
CA MET C 45 8.32 24.18 -4.70
C MET C 45 7.44 23.77 -5.87
N ARG C 46 6.67 24.72 -6.40
CA ARG C 46 5.79 24.44 -7.54
C ARG C 46 6.64 24.19 -8.80
N PRO C 47 6.45 23.05 -9.48
CA PRO C 47 7.21 22.85 -10.74
C PRO C 47 6.93 23.91 -11.80
N GLU C 48 7.94 24.30 -12.57
CA GLU C 48 7.75 25.32 -13.60
C GLU C 48 7.72 24.68 -14.97
N ALA D 1 -7.36 -14.72 -29.41
CA ALA D 1 -7.02 -15.00 -27.99
C ALA D 1 -8.27 -15.26 -27.15
N MET D 2 -9.17 -14.27 -27.11
CA MET D 2 -10.37 -14.32 -26.26
C MET D 2 -11.60 -14.84 -27.05
N ALA D 3 -12.36 -15.76 -26.44
CA ALA D 3 -13.61 -16.26 -27.03
C ALA D 3 -14.64 -15.14 -27.16
N HIS D 4 -15.78 -15.45 -27.74
CA HIS D 4 -16.88 -14.50 -27.83
C HIS D 4 -17.98 -14.95 -26.89
N SER D 5 -18.79 -13.98 -26.50
CA SER D 5 -19.93 -14.23 -25.64
C SER D 5 -20.93 -15.08 -26.41
N PRO D 6 -21.82 -15.81 -25.71
CA PRO D 6 -22.89 -16.52 -26.42
C PRO D 6 -23.76 -15.54 -27.23
N PRO D 7 -24.22 -15.96 -28.43
CA PRO D 7 -24.99 -15.01 -29.23
C PRO D 7 -26.17 -14.39 -28.48
N GLY D 8 -26.31 -13.08 -28.62
CA GLY D 8 -27.34 -12.34 -27.92
C GLY D 8 -27.03 -12.08 -26.45
N HIS D 9 -25.83 -12.44 -25.98
CA HIS D 9 -25.48 -12.24 -24.56
C HIS D 9 -24.19 -11.41 -24.45
N HIS D 10 -23.94 -10.84 -23.27
CA HIS D 10 -22.76 -9.99 -23.03
C HIS D 10 -21.79 -10.58 -21.99
N SER D 11 -22.16 -11.70 -21.39
CA SER D 11 -21.38 -12.33 -20.33
C SER D 11 -21.95 -13.70 -20.03
N VAL D 12 -21.22 -14.46 -19.22
CA VAL D 12 -21.66 -15.75 -18.71
C VAL D 12 -21.62 -15.74 -17.19
N THR D 13 -22.68 -16.29 -16.61
CA THR D 13 -22.80 -16.49 -15.17
C THR D 13 -22.63 -17.97 -14.88
N GLY D 14 -21.58 -18.31 -14.13
CA GLY D 14 -21.29 -19.67 -13.73
C GLY D 14 -21.80 -19.92 -12.32
N ARG D 15 -22.84 -20.72 -12.17
CA ARG D 15 -23.46 -20.94 -10.87
C ARG D 15 -23.21 -22.36 -10.39
N PRO D 16 -22.42 -22.52 -9.31
CA PRO D 16 -22.14 -23.87 -8.78
C PRO D 16 -23.42 -24.62 -8.40
N SER D 17 -23.63 -25.80 -8.97
CA SER D 17 -24.84 -26.57 -8.75
C SER D 17 -24.71 -27.61 -7.63
N VAL D 18 -23.49 -27.95 -7.23
CA VAL D 18 -23.27 -28.97 -6.20
C VAL D 18 -23.04 -28.36 -4.81
N ASN D 19 -22.35 -27.24 -4.75
CA ASN D 19 -22.12 -26.54 -3.48
C ASN D 19 -22.99 -25.27 -3.40
N GLY D 20 -24.09 -25.35 -2.66
CA GLY D 20 -25.00 -24.21 -2.48
C GLY D 20 -24.42 -23.08 -1.62
N LEU D 21 -23.29 -23.35 -0.95
CA LEU D 21 -22.52 -22.31 -0.24
C LEU D 21 -21.51 -21.55 -1.12
N ALA D 22 -21.20 -22.07 -2.31
CA ALA D 22 -20.30 -21.38 -3.22
C ALA D 22 -21.10 -20.32 -3.97
N LEU D 23 -20.54 -19.14 -4.07
CA LEU D 23 -21.19 -18.05 -4.81
C LEU D 23 -20.82 -18.11 -6.27
N ALA D 24 -21.42 -17.25 -7.07
CA ALA D 24 -21.23 -17.32 -8.52
C ALA D 24 -19.90 -16.74 -8.99
N GLU D 25 -19.55 -17.15 -10.21
CA GLU D 25 -18.38 -16.69 -10.95
C GLU D 25 -18.94 -16.13 -12.26
N TYR D 26 -18.24 -15.15 -12.83
CA TYR D 26 -18.74 -14.43 -14.01
C TYR D 26 -17.58 -14.25 -14.99
N VAL D 27 -17.93 -14.28 -16.28
CA VAL D 27 -16.95 -14.18 -17.37
C VAL D 27 -17.42 -13.12 -18.35
N ILE D 28 -16.51 -12.18 -18.66
CA ILE D 28 -16.72 -11.22 -19.75
C ILE D 28 -15.70 -11.49 -20.83
N TYR D 29 -16.03 -11.09 -22.05
CA TYR D 29 -15.17 -11.37 -23.20
C TYR D 29 -14.63 -10.11 -23.89
N ARG D 30 -14.82 -8.96 -23.24
CA ARG D 30 -14.34 -7.67 -23.68
C ARG D 30 -13.79 -6.99 -22.42
N GLY D 31 -12.52 -6.56 -22.43
CA GLY D 31 -11.93 -5.92 -21.26
C GLY D 31 -12.60 -4.62 -20.86
N GLU D 32 -13.23 -3.95 -21.83
CA GLU D 32 -13.94 -2.70 -21.60
C GLU D 32 -15.14 -2.81 -20.68
N GLN D 33 -15.63 -4.04 -20.44
CA GLN D 33 -16.72 -4.26 -19.51
C GLN D 33 -16.30 -4.39 -18.04
N ALA D 34 -15.06 -4.04 -17.70
CA ALA D 34 -14.67 -4.01 -16.27
C ALA D 34 -13.75 -2.83 -15.98
N TYR D 35 -13.88 -2.27 -14.76
CA TYR D 35 -13.03 -1.16 -14.33
C TYR D 35 -12.48 -1.52 -12.94
N PRO D 36 -11.14 -1.49 -12.75
CA PRO D 36 -10.53 -1.93 -11.49
C PRO D 36 -10.62 -0.87 -10.41
N GLU D 37 -11.74 -0.79 -9.72
CA GLU D 37 -12.04 0.36 -8.86
C GLU D 37 -11.27 0.43 -7.54
N TYR D 38 -11.04 -0.70 -6.88
CA TYR D 38 -10.28 -0.71 -5.63
C TYR D 38 -9.14 -1.71 -5.67
N LEU D 39 -8.01 -1.30 -5.11
CA LEU D 39 -6.85 -2.18 -4.90
C LEU D 39 -6.68 -2.49 -3.42
N ILE D 40 -6.75 -3.77 -3.08
CA ILE D 40 -6.75 -4.21 -1.68
C ILE D 40 -5.46 -4.95 -1.41
N THR D 41 -4.70 -4.48 -0.41
CA THR D 41 -3.46 -5.15 0.06
C THR D 41 -3.73 -5.86 1.38
N TYR D 42 -3.34 -7.14 1.49
CA TYR D 42 -3.74 -7.99 2.62
C TYR D 42 -2.79 -9.18 2.86
N GLN D 43 -2.92 -9.78 4.03
CA GLN D 43 -2.37 -11.11 4.34
C GLN D 43 -3.54 -12.07 4.65
N ILE D 44 -3.40 -13.33 4.29
CA ILE D 44 -4.29 -14.34 4.89
C ILE D 44 -3.82 -14.60 6.34
N MET D 45 -4.76 -14.94 7.23
CA MET D 45 -4.47 -15.19 8.66
C MET D 45 -4.55 -16.67 9.02
N ARG D 46 -3.57 -17.15 9.78
CA ARG D 46 -3.53 -18.56 10.19
C ARG D 46 -4.65 -18.79 11.20
N PRO D 47 -5.48 -19.81 11.01
CA PRO D 47 -6.55 -20.04 12.00
C PRO D 47 -5.98 -20.38 13.39
N GLU D 48 -6.61 -19.91 14.46
CA GLU D 48 -6.05 -20.08 15.81
C GLU D 48 -6.41 -21.43 16.44
ZN ZN E . -0.73 26.97 3.62
S SO4 F . 3.94 5.62 -2.75
O1 SO4 F . 4.91 4.54 -2.45
O2 SO4 F . 4.07 6.63 -1.71
O3 SO4 F . 2.62 4.98 -2.67
O4 SO4 F . 4.27 6.11 -4.11
S SO4 G . 11.21 22.19 -11.23
O1 SO4 G . 12.67 22.28 -11.49
O2 SO4 G . 10.47 23.05 -12.19
O3 SO4 G . 10.94 22.64 -9.84
O4 SO4 G . 10.79 20.79 -11.42
CAD VT3 H . 4.24 9.69 11.38
CAC VT3 H . 3.27 10.04 12.33
CAB VT3 H . 2.01 9.44 12.31
CAA VT3 H . 1.05 9.78 13.25
CAG VT3 H . 1.75 8.47 11.34
CAF VT3 H . 2.71 8.14 10.36
CAE VT3 H . 3.95 8.75 10.36
CAH VT3 H . 4.94 8.39 9.40
NAI VT3 H . 4.78 7.29 8.58
CAJ VT3 H . 5.72 6.95 7.69
CAO VT3 H . 5.53 5.82 6.91
OAP VT3 H . 4.33 5.15 7.09
CAN VT3 H . 6.52 5.41 6.00
CAM VT3 H . 7.69 6.15 5.89
CAL VT3 H . 7.90 7.30 6.68
CAK VT3 H . 6.91 7.70 7.57
CAQ VT3 H . 7.05 8.87 8.32
OAR VT3 H . 8.00 9.63 8.19
NAS VT3 H . 6.07 9.20 9.23
ZN ZN I . 5.98 -15.69 1.62
S SO4 J . -13.77 -24.70 -5.27
O1 SO4 J . -12.79 -23.61 -5.30
O2 SO4 J . -14.98 -24.21 -5.97
O3 SO4 J . -14.16 -25.07 -3.90
O4 SO4 J . -13.30 -25.86 -6.03
S SO4 K . -9.74 -17.69 13.13
O1 SO4 K . -10.92 -16.92 13.53
O2 SO4 K . -10.22 -18.85 12.35
O3 SO4 K . -9.01 -18.23 14.30
O4 SO4 K . -8.81 -16.83 12.33
CAD VT3 L . -7.19 -16.82 -13.97
CAC VT3 L . -6.03 -16.77 -14.77
CAB VT3 L . -5.29 -15.60 -14.84
CAA VT3 L . -4.11 -15.54 -15.64
CAG VT3 L . -5.71 -14.48 -14.15
CAF VT3 L . -6.86 -14.52 -13.37
CAE VT3 L . -7.61 -15.72 -13.23
CAH VT3 L . -8.79 -15.73 -12.46
NAI VT3 L . -9.67 -16.75 -12.53
CAJ VT3 L . -10.81 -16.76 -11.81
CAO VT3 L . -11.72 -17.81 -11.92
OAP VT3 L . -11.39 -18.84 -12.77
CAN VT3 L . -12.90 -17.82 -11.21
CAM VT3 L . -13.20 -16.75 -10.38
CAL VT3 L . -12.29 -15.69 -10.25
CAK VT3 L . -11.10 -15.69 -10.96
CAQ VT3 L . -10.16 -14.64 -10.79
OAR VT3 L . -10.33 -13.70 -9.99
NAS VT3 L . -9.03 -14.67 -11.55
C1 GOL M . 11.50 -3.35 -9.53
O1 GOL M . 10.08 -3.30 -9.53
C2 GOL M . 11.96 -3.94 -8.20
O2 GOL M . 12.31 -5.33 -8.45
C3 GOL M . 10.88 -3.81 -7.12
O3 GOL M . 10.75 -2.43 -6.69
#